data_2C9Z
#
_entry.id   2C9Z
#
_cell.length_a   49.189
_cell.length_b   93.817
_cell.length_c   106.092
_cell.angle_alpha   90.00
_cell.angle_beta   90.00
_cell.angle_gamma   90.00
#
_symmetry.space_group_name_H-M   'P 21 21 21'
#
loop_
_entity.id
_entity.type
_entity.pdbx_description
1 polymer 'UDP GLUCOSE\:FLAVONOID 3-O-GLUCOSYLTRANSFERASE'
2 non-polymer "URIDINE-5'-DIPHOSPHATE"
3 non-polymer "3,5,7,3',4'-PENTAHYDROXYFLAVONE"
4 water water
#
_entity_poly.entity_id   1
_entity_poly.type   'polypeptide(L)'
_entity_poly.pdbx_seq_one_letter_code
;MSQTTTNPHVAVLAFPFSTHAAPLLAVVRRLAAAAPHAVFSFFSTSQSNASIFHDSMHTMQCNIKSYDISDGVPEGYVFA
GRPQEDIELFTRAAPESFRQGMVMAVAETGRPVSCLVADAFIWFAADMAAEMGVAWLPFWTAGPNSLSTHVYIDEIREKI
GVSGIQGREDELLNFIPGMSKVRFRDLQEGIVFGNLNSLFSRMLHRMGQVLPKATAVFINSFEELDDSLTNDLKSKLKTY
LNIGPFNLITPPPVVPNTTGCLQWLKERKPTSVVYISFGTVTTPPPAEVVALSEALEASRVPFIWSLRDKARVHLPEGFL
EKTRGYGMVVPWAPQAEVLAHEAVGAFVTHCGWNSLWESVAGGVPLICRPFFGDQRLNGRMVEDVLEIGVRIEGGVFTKS
GLMSCFDQILSQEKGKKLRENLRALRETADRAVGPKGSSTENFITLVDLVSKPKDV
;
_entity_poly.pdbx_strand_id   A
#
# COMPACT_ATOMS: atom_id res chain seq x y z
N THR A 6 18.58 -28.58 9.54
CA THR A 6 17.35 -28.42 10.36
C THR A 6 16.14 -28.07 9.47
N ASN A 7 14.96 -28.03 10.07
CA ASN A 7 13.78 -27.59 9.35
C ASN A 7 13.82 -26.07 9.17
N PRO A 8 12.90 -25.52 8.35
CA PRO A 8 13.04 -24.12 7.94
C PRO A 8 12.92 -23.07 9.06
N HIS A 9 13.71 -22.02 8.91
CA HIS A 9 13.62 -20.84 9.75
C HIS A 9 13.56 -19.63 8.82
N VAL A 10 12.38 -19.03 8.73
CA VAL A 10 12.14 -17.93 7.81
C VAL A 10 12.28 -16.61 8.57
N ALA A 11 13.25 -15.79 8.15
CA ALA A 11 13.40 -14.43 8.66
C ALA A 11 12.59 -13.46 7.83
N VAL A 12 11.80 -12.62 8.50
CA VAL A 12 10.92 -11.68 7.85
C VAL A 12 11.28 -10.26 8.25
N LEU A 13 11.69 -9.44 7.30
CA LEU A 13 12.17 -8.08 7.58
C LEU A 13 11.16 -7.04 7.10
N ALA A 14 10.44 -6.42 8.03
CA ALA A 14 9.42 -5.44 7.69
C ALA A 14 10.02 -4.05 7.49
N PHE A 15 9.34 -3.25 6.69
CA PHE A 15 9.59 -1.81 6.60
C PHE A 15 8.57 -1.14 7.52
N PRO A 16 9.05 -0.51 8.60
CA PRO A 16 8.18 -0.09 9.68
C PRO A 16 7.52 1.29 9.48
N PHE A 17 7.29 1.70 8.24
CA PHE A 17 6.62 2.97 7.98
C PHE A 17 5.36 2.74 7.12
N SER A 18 4.45 3.70 7.17
CA SER A 18 3.11 3.64 6.56
C SER A 18 2.46 2.26 6.77
N THR A 19 1.79 1.71 5.78
CA THR A 19 1.09 0.43 5.99
C THR A 19 1.83 -0.73 5.34
N HIS A 20 3.09 -0.91 5.70
CA HIS A 20 3.95 -1.92 5.07
C HIS A 20 4.03 -3.19 5.92
N ALA A 21 4.08 -3.01 7.23
CA ALA A 21 4.34 -4.14 8.13
C ALA A 21 3.13 -5.04 8.32
N ALA A 22 1.93 -4.44 8.39
CA ALA A 22 0.69 -5.20 8.58
C ALA A 22 0.35 -6.23 7.48
N PRO A 23 0.32 -5.80 6.21
CA PRO A 23 0.12 -6.79 5.12
C PRO A 23 1.22 -7.87 5.07
N LEU A 24 2.45 -7.53 5.42
CA LEU A 24 3.51 -8.52 5.50
C LEU A 24 3.24 -9.54 6.63
N LEU A 25 2.80 -9.08 7.79
CA LEU A 25 2.37 -9.99 8.85
C LEU A 25 1.18 -10.85 8.39
N ALA A 26 0.23 -10.24 7.68
CA ALA A 26 -0.92 -10.99 7.14
C ALA A 26 -0.51 -12.20 6.29
N VAL A 27 0.46 -12.02 5.39
CA VAL A 27 0.95 -13.16 4.60
C VAL A 27 1.71 -14.16 5.45
N VAL A 28 2.54 -13.67 6.39
CA VAL A 28 3.31 -14.55 7.26
C VAL A 28 2.37 -15.49 8.02
N ARG A 29 1.28 -14.94 8.55
CA ARG A 29 0.21 -15.72 9.21
C ARG A 29 -0.29 -16.87 8.32
N ARG A 30 -0.63 -16.53 7.07
CA ARG A 30 -1.04 -17.52 6.06
C ARG A 30 0.05 -18.54 5.75
N LEU A 31 1.29 -18.06 5.62
CA LEU A 31 2.44 -18.95 5.37
C LEU A 31 2.71 -19.88 6.57
N ALA A 32 2.57 -19.35 7.78
CA ALA A 32 2.79 -20.16 9.00
C ALA A 32 1.78 -21.28 9.17
N ALA A 33 0.54 -21.04 8.76
CA ALA A 33 -0.52 -22.05 8.77
C ALA A 33 -0.28 -23.09 7.70
N ALA A 34 0.24 -22.66 6.55
CA ALA A 34 0.46 -23.56 5.42
C ALA A 34 1.77 -24.34 5.53
N ALA A 35 2.72 -23.81 6.29
CA ALA A 35 3.97 -24.53 6.52
C ALA A 35 4.21 -24.65 8.03
N PRO A 36 3.49 -25.56 8.70
CA PRO A 36 3.50 -25.65 10.18
C PRO A 36 4.80 -26.17 10.78
N HIS A 37 5.64 -26.79 9.96
CA HIS A 37 6.93 -27.30 10.38
C HIS A 37 8.02 -26.20 10.36
N ALA A 38 7.72 -25.08 9.71
CA ALA A 38 8.66 -23.94 9.65
C ALA A 38 8.40 -22.98 10.81
N VAL A 39 9.49 -22.42 11.37
CA VAL A 39 9.39 -21.30 12.31
C VAL A 39 9.64 -19.95 11.61
N PHE A 40 8.93 -18.91 12.04
CA PHE A 40 8.97 -17.60 11.43
C PHE A 40 9.40 -16.58 12.47
N SER A 41 10.34 -15.70 12.09
CA SER A 41 10.87 -14.66 12.98
C SER A 41 10.62 -13.32 12.32
N PHE A 42 9.75 -12.52 12.92
CA PHE A 42 9.26 -11.31 12.27
C PHE A 42 9.99 -10.13 12.86
N PHE A 43 10.74 -9.39 12.04
CA PHE A 43 11.58 -8.27 12.52
C PHE A 43 11.05 -6.90 12.13
N SER A 44 10.73 -6.08 13.12
CA SER A 44 10.34 -4.69 12.90
C SER A 44 10.77 -3.89 14.13
N THR A 45 10.47 -2.59 14.16
CA THR A 45 10.71 -1.75 15.34
C THR A 45 9.69 -2.10 16.43
N SER A 46 10.04 -1.79 17.68
CA SER A 46 9.15 -2.06 18.82
C SER A 46 7.80 -1.36 18.65
N GLN A 47 7.83 -0.11 18.16
CA GLN A 47 6.61 0.67 17.90
C GLN A 47 5.72 -0.05 16.87
N SER A 48 6.37 -0.57 15.83
CA SER A 48 5.72 -1.23 14.70
C SER A 48 5.07 -2.55 15.14
N ASN A 49 5.86 -3.40 15.79
CA ASN A 49 5.39 -4.65 16.36
C ASN A 49 4.23 -4.51 17.38
N ALA A 50 4.37 -3.60 18.34
CA ALA A 50 3.30 -3.37 19.32
C ALA A 50 1.99 -3.04 18.61
N SER A 51 2.07 -2.26 17.55
CA SER A 51 0.89 -1.87 16.77
C SER A 51 0.26 -3.04 16.00
N ILE A 52 1.07 -3.77 15.24
CA ILE A 52 0.56 -4.81 14.34
C ILE A 52 0.24 -6.13 15.05
N PHE A 53 0.91 -6.42 16.17
CA PHE A 53 0.66 -7.64 16.96
C PHE A 53 -0.38 -7.47 18.08
N HIS A 54 -0.94 -6.27 18.22
CA HIS A 54 -1.89 -5.96 19.29
C HIS A 54 -3.11 -6.88 19.26
N THR A 59 -4.75 -15.68 19.15
CA THR A 59 -5.00 -16.31 17.85
C THR A 59 -3.76 -16.43 16.95
N MET A 60 -2.62 -15.92 17.41
CA MET A 60 -1.41 -15.90 16.60
C MET A 60 -0.81 -17.31 16.47
N GLN A 61 -0.48 -17.70 15.24
CA GLN A 61 0.17 -18.98 14.96
C GLN A 61 1.37 -19.18 15.90
N CYS A 62 1.44 -20.37 16.51
CA CYS A 62 2.43 -20.71 17.52
C CYS A 62 3.85 -20.65 16.97
N ASN A 63 3.98 -20.79 15.65
CA ASN A 63 5.29 -20.84 14.99
C ASN A 63 5.84 -19.48 14.54
N ILE A 64 5.15 -18.40 14.92
CA ILE A 64 5.61 -17.02 14.66
C ILE A 64 6.02 -16.37 15.98
N LYS A 65 7.18 -15.72 15.99
CA LYS A 65 7.58 -14.85 17.09
C LYS A 65 8.17 -13.56 16.53
N SER A 66 7.73 -12.41 17.05
CA SER A 66 8.30 -11.13 16.63
C SER A 66 9.54 -10.73 17.45
N TYR A 67 10.37 -9.88 16.85
CA TYR A 67 11.63 -9.42 17.46
C TYR A 67 11.78 -7.95 17.17
N ASP A 68 12.06 -7.17 18.22
CA ASP A 68 12.22 -5.71 18.08
C ASP A 68 13.63 -5.38 17.67
N ILE A 69 13.76 -4.68 16.56
CA ILE A 69 15.08 -4.24 16.10
C ILE A 69 15.19 -2.70 16.17
N SER A 70 16.41 -2.17 16.06
CA SER A 70 16.63 -0.72 16.22
C SER A 70 15.88 0.13 15.18
N ASP A 71 15.34 1.25 15.63
CA ASP A 71 14.81 2.29 14.74
C ASP A 71 15.93 3.19 14.16
N GLY A 72 17.17 2.89 14.53
CA GLY A 72 18.34 3.64 14.02
C GLY A 72 18.55 5.04 14.56
N VAL A 73 17.80 5.41 15.59
CA VAL A 73 17.93 6.72 16.21
C VAL A 73 18.94 6.67 17.39
N PRO A 74 20.09 7.38 17.26
CA PRO A 74 21.11 7.44 18.33
C PRO A 74 20.54 8.00 19.65
N GLU A 75 21.18 7.66 20.78
CA GLU A 75 20.67 7.99 22.12
C GLU A 75 20.25 9.47 22.32
N GLY A 76 21.13 10.40 22.01
CA GLY A 76 20.80 11.80 22.24
C GLY A 76 20.52 12.59 20.98
N TYR A 77 19.78 11.98 20.05
CA TYR A 77 19.55 12.57 18.73
C TYR A 77 18.48 13.65 18.79
N VAL A 78 18.79 14.78 18.18
CA VAL A 78 17.87 15.88 18.04
C VAL A 78 17.53 15.91 16.57
N PHE A 79 16.24 15.74 16.26
CA PHE A 79 15.78 15.73 14.88
C PHE A 79 15.94 17.10 14.23
N ALA A 80 16.40 17.10 12.98
CA ALA A 80 16.52 18.30 12.17
C ALA A 80 15.15 18.73 11.64
N GLY A 81 14.23 17.78 11.59
CA GLY A 81 12.87 18.04 11.17
C GLY A 81 12.66 17.94 9.66
N ARG A 82 13.60 17.31 8.96
CA ARG A 82 13.48 17.06 7.52
C ARG A 82 12.41 16.01 7.25
N PRO A 83 11.89 15.97 6.00
CA PRO A 83 11.04 14.84 5.61
C PRO A 83 11.89 13.60 5.29
N GLN A 84 11.37 12.43 5.66
CA GLN A 84 12.08 11.16 5.47
C GLN A 84 13.25 11.00 6.43
N GLU A 85 13.40 11.93 7.40
CA GLU A 85 14.44 11.82 8.44
C GLU A 85 14.37 10.49 9.21
N ASP A 86 13.17 10.13 9.68
CA ASP A 86 12.98 8.85 10.37
C ASP A 86 13.35 7.65 9.49
N ILE A 87 12.92 7.69 8.23
CA ILE A 87 13.22 6.65 7.26
C ILE A 87 14.72 6.51 7.03
N GLU A 88 15.37 7.67 6.86
CA GLU A 88 16.82 7.72 6.65
C GLU A 88 17.63 7.12 7.78
N LEU A 89 17.30 7.52 9.01
CA LEU A 89 17.92 6.95 10.20
C LEU A 89 17.68 5.44 10.31
N PHE A 90 16.43 5.01 10.08
CA PHE A 90 16.14 3.58 10.14
C PHE A 90 16.96 2.83 9.10
N THR A 91 16.90 3.33 7.87
CA THR A 91 17.52 2.68 6.72
C THR A 91 19.06 2.52 6.85
N ARG A 92 19.75 3.56 7.28
CA ARG A 92 21.23 3.49 7.42
C ARG A 92 21.67 2.46 8.48
N ALA A 93 20.87 2.32 9.53
CA ALA A 93 21.19 1.39 10.61
C ALA A 93 20.73 -0.02 10.28
N ALA A 94 19.71 -0.13 9.42
CA ALA A 94 18.96 -1.39 9.18
C ALA A 94 19.77 -2.64 8.83
N PRO A 95 20.80 -2.54 7.93
CA PRO A 95 21.67 -3.70 7.69
C PRO A 95 22.19 -4.33 8.98
N GLU A 96 22.68 -3.48 9.88
CA GLU A 96 23.17 -3.92 11.17
C GLU A 96 22.01 -4.33 12.12
N SER A 97 20.96 -3.51 12.19
CA SER A 97 19.79 -3.82 13.05
C SER A 97 19.18 -5.19 12.73
N PHE A 98 18.92 -5.46 11.45
CA PHE A 98 18.32 -6.72 11.05
C PHE A 98 19.24 -7.91 11.36
N ARG A 99 20.54 -7.75 11.04
CA ARG A 99 21.56 -8.77 11.28
C ARG A 99 21.56 -9.22 12.74
N GLN A 100 21.60 -8.25 13.65
CA GLN A 100 21.63 -8.51 15.09
C GLN A 100 20.32 -9.14 15.57
N GLY A 101 19.20 -8.73 15.00
CA GLY A 101 17.91 -9.33 15.27
C GLY A 101 17.92 -10.79 14.91
N MET A 102 18.43 -11.10 13.72
CA MET A 102 18.52 -12.46 13.24
C MET A 102 19.48 -13.32 14.07
N VAL A 103 20.60 -12.73 14.48
CA VAL A 103 21.52 -13.42 15.40
C VAL A 103 20.72 -13.94 16.59
N MET A 104 19.89 -13.06 17.17
CA MET A 104 19.07 -13.38 18.33
C MET A 104 18.05 -14.49 18.04
N ALA A 105 17.42 -14.46 16.86
CA ALA A 105 16.38 -15.44 16.53
C ALA A 105 16.99 -16.80 16.33
N VAL A 106 18.15 -16.84 15.69
CA VAL A 106 18.91 -18.07 15.46
C VAL A 106 19.34 -18.71 16.79
N ALA A 107 19.84 -17.88 17.72
CA ALA A 107 20.25 -18.35 19.04
C ALA A 107 19.05 -18.94 19.81
N GLU A 108 17.87 -18.33 19.69
CA GLU A 108 16.69 -18.78 20.43
C GLU A 108 16.08 -20.07 19.88
N THR A 109 16.02 -20.19 18.55
CA THR A 109 15.38 -21.32 17.88
C THR A 109 16.34 -22.51 17.73
N GLY A 110 17.64 -22.24 17.69
CA GLY A 110 18.63 -23.26 17.35
C GLY A 110 18.62 -23.65 15.88
N ARG A 111 18.02 -22.79 15.04
CA ARG A 111 17.92 -23.03 13.59
C ARG A 111 18.56 -21.88 12.82
N PRO A 112 19.52 -22.17 11.92
CA PRO A 112 20.00 -21.12 11.04
C PRO A 112 18.86 -20.62 10.16
N VAL A 113 18.92 -19.33 9.79
CA VAL A 113 17.97 -18.73 8.84
C VAL A 113 18.08 -19.50 7.51
N SER A 114 16.94 -19.97 7.00
CA SER A 114 16.93 -20.80 5.78
C SER A 114 16.28 -20.04 4.61
N CYS A 115 15.68 -18.90 4.89
CA CYS A 115 14.95 -18.13 3.89
C CYS A 115 14.81 -16.69 4.36
N LEU A 116 14.94 -15.74 3.45
CA LEU A 116 14.84 -14.34 3.83
C LEU A 116 13.69 -13.66 3.10
N VAL A 117 12.58 -13.46 3.81
CA VAL A 117 11.42 -12.70 3.30
C VAL A 117 11.59 -11.25 3.80
N ALA A 118 11.35 -10.27 2.91
CA ALA A 118 11.55 -8.89 3.28
C ALA A 118 10.68 -7.94 2.45
N ASP A 119 10.28 -6.82 3.02
CA ASP A 119 9.74 -5.74 2.21
C ASP A 119 10.75 -5.41 1.12
N ALA A 120 10.25 -5.24 -0.11
CA ALA A 120 11.09 -4.89 -1.26
C ALA A 120 11.94 -3.62 -1.02
N PHE A 121 11.48 -2.77 -0.10
CA PHE A 121 12.18 -1.53 0.22
C PHE A 121 13.54 -1.82 0.84
N ILE A 122 13.63 -2.90 1.63
CA ILE A 122 14.89 -3.42 2.21
C ILE A 122 15.75 -4.06 1.10
N TRP A 123 16.30 -3.23 0.22
CA TRP A 123 16.91 -3.75 -1.01
C TRP A 123 18.20 -4.53 -0.73
N PHE A 124 18.92 -4.11 0.33
CA PHE A 124 20.13 -4.81 0.79
C PHE A 124 19.85 -6.21 1.37
N ALA A 125 18.57 -6.57 1.54
CA ALA A 125 18.20 -7.95 1.89
C ALA A 125 18.79 -8.95 0.90
N ALA A 126 18.84 -8.54 -0.37
CA ALA A 126 19.43 -9.33 -1.45
C ALA A 126 20.89 -9.70 -1.14
N ASP A 127 21.62 -8.71 -0.63
CA ASP A 127 23.02 -8.90 -0.28
C ASP A 127 23.12 -9.75 0.98
N MET A 128 22.26 -9.49 1.97
CA MET A 128 22.19 -10.33 3.18
C MET A 128 21.87 -11.79 2.85
N ALA A 129 20.93 -12.02 1.93
CA ALA A 129 20.57 -13.37 1.52
C ALA A 129 21.74 -14.07 0.79
N ALA A 130 22.42 -13.33 -0.10
CA ALA A 130 23.62 -13.84 -0.78
C ALA A 130 24.70 -14.24 0.22
N GLU A 131 24.94 -13.38 1.20
CA GLU A 131 25.94 -13.65 2.23
C GLU A 131 25.54 -14.84 3.13
N MET A 132 24.24 -15.01 3.37
CA MET A 132 23.74 -16.09 4.22
C MET A 132 23.62 -17.42 3.49
N GLY A 133 23.58 -17.36 2.16
CA GLY A 133 23.38 -18.55 1.31
C GLY A 133 21.93 -19.01 1.22
N VAL A 134 21.00 -18.06 1.35
CA VAL A 134 19.56 -18.36 1.37
C VAL A 134 18.82 -17.61 0.26
N ALA A 135 17.62 -18.08 -0.08
CA ALA A 135 16.76 -17.40 -1.04
C ALA A 135 16.32 -16.04 -0.50
N TRP A 136 16.08 -15.13 -1.44
CA TRP A 136 15.58 -13.82 -1.11
C TRP A 136 14.19 -13.71 -1.74
N LEU A 137 13.18 -13.48 -0.90
CA LEU A 137 11.77 -13.40 -1.33
C LEU A 137 11.17 -12.04 -0.98
N PRO A 138 11.39 -11.05 -1.83
CA PRO A 138 10.84 -9.76 -1.49
C PRO A 138 9.32 -9.64 -1.73
N PHE A 139 8.66 -8.93 -0.82
CA PHE A 139 7.24 -8.61 -0.91
C PHE A 139 7.09 -7.17 -1.36
N TRP A 140 6.51 -6.97 -2.54
CA TRP A 140 6.11 -5.64 -3.00
C TRP A 140 4.74 -5.34 -2.36
N THR A 141 4.69 -4.33 -1.48
CA THR A 141 3.46 -4.00 -0.72
C THR A 141 2.43 -3.17 -1.47
N ALA A 142 2.77 -2.74 -2.69
CA ALA A 142 1.85 -1.91 -3.45
C ALA A 142 1.38 -2.57 -4.77
N GLY A 143 1.04 -1.74 -5.75
CA GLY A 143 0.48 -2.25 -6.99
C GLY A 143 1.51 -2.68 -8.01
N PRO A 144 1.07 -3.49 -9.01
CA PRO A 144 1.99 -3.91 -10.05
C PRO A 144 2.44 -2.73 -10.93
N ASN A 145 1.62 -1.68 -10.99
CA ASN A 145 1.97 -0.44 -11.69
C ASN A 145 3.24 0.21 -11.15
N SER A 146 3.30 0.40 -9.83
CA SER A 146 4.50 0.96 -9.21
C SER A 146 5.71 -0.02 -9.25
N LEU A 147 5.44 -1.32 -9.10
CA LEU A 147 6.45 -2.34 -9.25
C LEU A 147 7.14 -2.24 -10.61
N SER A 148 6.38 -1.83 -11.62
CA SER A 148 6.84 -1.91 -13.00
C SER A 148 7.75 -0.73 -13.35
N THR A 149 7.41 0.45 -12.84
CA THR A 149 8.25 1.66 -13.03
C THR A 149 9.60 1.63 -12.28
N HIS A 150 9.63 0.99 -11.12
CA HIS A 150 10.89 0.75 -10.42
C HIS A 150 11.78 -0.21 -11.14
N VAL A 151 11.22 -1.32 -11.60
CA VAL A 151 11.94 -2.31 -12.39
C VAL A 151 12.47 -1.70 -13.71
N TYR A 152 11.75 -0.72 -14.24
CA TYR A 152 12.14 -0.03 -15.46
C TYR A 152 12.86 1.31 -15.24
N ILE A 153 13.36 1.55 -14.03
CA ILE A 153 13.95 2.85 -13.66
C ILE A 153 15.00 3.36 -14.68
N ASP A 154 15.98 2.52 -15.00
CA ASP A 154 17.07 2.92 -15.89
C ASP A 154 16.55 3.22 -17.29
N GLU A 155 15.66 2.39 -17.80
CA GLU A 155 15.04 2.60 -19.11
C GLU A 155 14.20 3.88 -19.14
N ILE A 156 13.39 4.11 -18.11
CA ILE A 156 12.60 5.34 -18.01
C ILE A 156 13.48 6.61 -18.01
N ARG A 157 14.51 6.63 -17.15
CA ARG A 157 15.45 7.77 -17.11
C ARG A 157 16.15 8.02 -18.45
N GLU A 158 16.50 6.95 -19.15
CA GLU A 158 17.08 7.05 -20.50
C GLU A 158 16.15 7.66 -21.52
N LYS A 159 14.91 7.19 -21.56
CA LYS A 159 13.91 7.71 -22.49
C LYS A 159 13.55 9.17 -22.20
N ILE A 160 13.29 9.48 -20.93
CA ILE A 160 12.77 10.81 -20.57
C ILE A 160 13.86 11.85 -20.29
N GLY A 161 14.94 11.43 -19.63
CA GLY A 161 15.94 12.37 -19.13
C GLY A 161 15.73 12.69 -17.66
N VAL A 162 16.81 13.13 -17.00
CA VAL A 162 16.75 13.46 -15.58
C VAL A 162 16.85 14.95 -15.28
N SER A 163 16.58 15.80 -16.28
CA SER A 163 16.68 17.25 -16.10
C SER A 163 15.32 17.96 -16.05
N GLY A 164 14.25 17.19 -15.84
CA GLY A 164 12.91 17.75 -15.72
C GLY A 164 11.94 17.32 -16.80
N ILE A 165 10.64 17.39 -16.49
CA ILE A 165 9.56 17.03 -17.42
C ILE A 165 8.64 18.22 -17.77
N GLN A 166 9.05 19.43 -17.39
CA GLN A 166 8.32 20.66 -17.73
C GLN A 166 7.94 20.66 -19.21
N GLY A 167 6.66 20.87 -19.47
CA GLY A 167 6.12 20.86 -20.82
C GLY A 167 5.83 19.48 -21.38
N ARG A 168 6.07 18.45 -20.57
CA ARG A 168 5.89 17.06 -21.02
C ARG A 168 5.06 16.25 -20.03
N GLU A 169 4.48 16.94 -19.04
CA GLU A 169 3.78 16.31 -17.92
C GLU A 169 2.69 15.32 -18.33
N ASP A 170 1.96 15.63 -19.39
CA ASP A 170 0.88 14.78 -19.82
C ASP A 170 1.27 13.85 -20.97
N GLU A 171 2.58 13.72 -21.22
CA GLU A 171 3.08 12.72 -22.16
C GLU A 171 2.88 11.32 -21.59
N LEU A 172 2.79 10.34 -22.48
CA LEU A 172 2.45 8.98 -22.08
C LEU A 172 3.64 8.05 -22.03
N LEU A 173 3.62 7.19 -21.02
CA LEU A 173 4.65 6.21 -20.74
C LEU A 173 4.32 4.93 -21.51
N ASN A 174 3.88 5.09 -22.77
CA ASN A 174 3.35 3.98 -23.56
C ASN A 174 4.43 3.08 -24.15
N PHE A 175 5.70 3.42 -23.91
CA PHE A 175 6.81 2.53 -24.23
C PHE A 175 7.01 1.40 -23.21
N ILE A 176 6.24 1.44 -22.11
CA ILE A 176 6.21 0.35 -21.12
C ILE A 176 4.90 -0.45 -21.23
N PRO A 177 4.99 -1.79 -21.39
CA PRO A 177 3.85 -2.70 -21.46
C PRO A 177 2.95 -2.63 -20.22
N GLY A 178 1.64 -2.62 -20.44
CA GLY A 178 0.68 -2.48 -19.34
C GLY A 178 0.58 -1.07 -18.78
N MET A 179 1.36 -0.13 -19.31
CA MET A 179 1.43 1.22 -18.77
C MET A 179 1.03 2.31 -19.77
N SER A 180 0.29 1.91 -20.80
CA SER A 180 -0.10 2.82 -21.89
C SER A 180 -0.83 4.09 -21.42
N LYS A 181 -1.50 4.01 -20.27
CA LYS A 181 -2.34 5.12 -19.78
C LYS A 181 -1.67 6.04 -18.75
N VAL A 182 -0.47 5.68 -18.30
CA VAL A 182 0.23 6.53 -17.31
C VAL A 182 1.00 7.67 -17.97
N ARG A 183 0.81 8.85 -17.41
CA ARG A 183 1.45 10.06 -17.89
C ARG A 183 2.73 10.31 -17.11
N PHE A 184 3.68 11.02 -17.72
CA PHE A 184 4.93 11.40 -17.05
C PHE A 184 4.70 11.93 -15.64
N ARG A 185 3.70 12.79 -15.49
CA ARG A 185 3.37 13.39 -14.18
C ARG A 185 2.94 12.37 -13.10
N ASP A 186 2.48 11.19 -13.52
CA ASP A 186 1.97 10.16 -12.58
C ASP A 186 3.10 9.44 -11.85
N LEU A 187 4.31 9.53 -12.41
CA LEU A 187 5.46 8.82 -11.86
C LEU A 187 5.74 9.24 -10.41
N GLN A 188 6.23 8.29 -9.63
CA GLN A 188 6.63 8.57 -8.25
C GLN A 188 7.88 9.44 -8.21
N GLU A 189 8.00 10.25 -7.16
CA GLU A 189 9.24 10.98 -6.89
C GLU A 189 10.42 10.01 -6.87
N GLY A 190 11.52 10.41 -7.51
CA GLY A 190 12.74 9.60 -7.51
C GLY A 190 12.98 8.80 -8.78
N ILE A 191 12.01 8.87 -9.70
CA ILE A 191 12.15 8.26 -11.02
C ILE A 191 12.79 9.28 -11.96
N VAL A 192 12.04 10.32 -12.31
CA VAL A 192 12.57 11.38 -13.17
C VAL A 192 12.46 12.78 -12.55
N PHE A 193 11.78 12.90 -11.41
CA PHE A 193 11.65 14.20 -10.74
C PHE A 193 11.60 14.06 -9.22
N GLY A 194 11.68 15.19 -8.54
CA GLY A 194 11.93 15.19 -7.10
C GLY A 194 13.43 15.13 -6.87
N ASN A 195 13.83 14.91 -5.62
CA ASN A 195 15.26 14.86 -5.30
C ASN A 195 15.87 13.51 -5.63
N LEU A 196 16.47 13.42 -6.81
CA LEU A 196 17.09 12.20 -7.30
C LEU A 196 18.34 11.79 -6.51
N ASN A 197 18.82 12.67 -5.64
CA ASN A 197 20.01 12.37 -4.85
C ASN A 197 19.76 11.96 -3.40
N SER A 198 18.50 11.98 -2.99
CA SER A 198 18.11 11.62 -1.64
C SER A 198 18.41 10.14 -1.39
N LEU A 199 18.62 9.78 -0.13
CA LEU A 199 18.79 8.39 0.25
C LEU A 199 17.62 7.54 -0.25
N PHE A 200 16.40 8.07 -0.08
CA PHE A 200 15.17 7.34 -0.46
C PHE A 200 15.10 7.07 -1.98
N SER A 201 15.46 8.07 -2.79
CA SER A 201 15.52 7.89 -4.25
C SER A 201 16.57 6.86 -4.66
N ARG A 202 17.74 6.92 -4.04
CA ARG A 202 18.80 5.96 -4.32
C ARG A 202 18.46 4.53 -3.85
N MET A 203 17.79 4.42 -2.71
CA MET A 203 17.32 3.13 -2.17
C MET A 203 16.38 2.46 -3.19
N LEU A 204 15.41 3.24 -3.68
CA LEU A 204 14.44 2.78 -4.69
C LEU A 204 15.08 2.46 -6.05
N HIS A 205 16.09 3.26 -6.43
CA HIS A 205 16.85 2.99 -7.65
C HIS A 205 17.56 1.61 -7.59
N ARG A 206 18.26 1.38 -6.48
CA ARG A 206 18.96 0.12 -6.25
C ARG A 206 17.99 -1.06 -6.16
N MET A 207 16.92 -0.91 -5.39
CA MET A 207 15.86 -1.91 -5.32
C MET A 207 15.44 -2.34 -6.74
N GLY A 208 15.10 -1.34 -7.57
CA GLY A 208 14.72 -1.57 -8.96
C GLY A 208 15.70 -2.44 -9.73
N GLN A 209 16.97 -2.16 -9.59
CA GLN A 209 18.04 -2.91 -10.28
C GLN A 209 18.24 -4.33 -9.77
N VAL A 210 17.97 -4.55 -8.49
CA VAL A 210 18.24 -5.85 -7.90
C VAL A 210 17.02 -6.80 -7.86
N LEU A 211 15.80 -6.28 -7.94
CA LEU A 211 14.58 -7.14 -7.89
C LEU A 211 14.57 -8.28 -8.91
N PRO A 212 15.07 -8.03 -10.15
CA PRO A 212 15.21 -9.11 -11.12
C PRO A 212 16.08 -10.27 -10.68
N LYS A 213 16.92 -10.06 -9.67
CA LYS A 213 17.74 -11.12 -9.10
C LYS A 213 17.04 -11.95 -8.03
N ALA A 214 15.87 -11.53 -7.57
CA ALA A 214 15.19 -12.25 -6.47
C ALA A 214 14.79 -13.66 -6.89
N THR A 215 14.82 -14.58 -5.93
CA THR A 215 14.28 -15.94 -6.14
C THR A 215 12.81 -15.83 -6.61
N ALA A 216 12.05 -14.99 -5.91
CA ALA A 216 10.69 -14.68 -6.29
C ALA A 216 10.29 -13.35 -5.71
N VAL A 217 9.57 -12.55 -6.48
CA VAL A 217 8.93 -11.35 -5.99
C VAL A 217 7.44 -11.66 -5.84
N PHE A 218 6.87 -11.40 -4.67
CA PHE A 218 5.42 -11.59 -4.54
C PHE A 218 4.70 -10.28 -4.21
N ILE A 219 3.39 -10.26 -4.44
CA ILE A 219 2.62 -9.03 -4.44
C ILE A 219 1.14 -9.31 -4.04
N ASN A 220 0.55 -8.35 -3.31
CA ASN A 220 -0.87 -8.39 -2.90
C ASN A 220 -1.75 -7.90 -4.05
N SER A 221 -1.91 -8.74 -5.07
CA SER A 221 -2.74 -8.40 -6.23
C SER A 221 -3.09 -9.73 -6.92
N PHE A 222 -3.86 -9.65 -7.99
CA PHE A 222 -4.18 -10.83 -8.81
C PHE A 222 -3.78 -10.60 -10.28
N GLU A 223 -3.29 -11.65 -10.93
CA GLU A 223 -2.76 -11.61 -12.30
C GLU A 223 -3.71 -10.93 -13.30
N GLU A 224 -5.00 -11.24 -13.18
CA GLU A 224 -6.03 -10.86 -14.14
C GLU A 224 -6.42 -9.38 -14.02
N LEU A 225 -5.87 -8.69 -13.02
CA LEU A 225 -5.99 -7.23 -12.96
C LEU A 225 -5.52 -6.59 -14.25
N ASP A 226 -4.42 -7.10 -14.79
CA ASP A 226 -3.87 -6.64 -16.04
C ASP A 226 -2.93 -7.71 -16.57
N ASP A 227 -3.43 -8.51 -17.51
CA ASP A 227 -2.71 -9.65 -18.11
C ASP A 227 -1.36 -9.28 -18.72
N SER A 228 -1.34 -8.14 -19.40
CA SER A 228 -0.15 -7.68 -20.13
C SER A 228 0.94 -7.26 -19.17
N LEU A 229 0.54 -6.61 -18.09
CA LEU A 229 1.45 -6.17 -17.04
C LEU A 229 1.97 -7.38 -16.26
N THR A 230 1.07 -8.32 -15.98
CA THR A 230 1.45 -9.59 -15.38
C THR A 230 2.50 -10.30 -16.21
N ASN A 231 2.25 -10.44 -17.52
CA ASN A 231 3.17 -11.12 -18.44
C ASN A 231 4.49 -10.34 -18.56
N ASP A 232 4.41 -9.02 -18.64
CA ASP A 232 5.64 -8.24 -18.76
C ASP A 232 6.51 -8.47 -17.54
N LEU A 233 5.91 -8.40 -16.35
CA LEU A 233 6.69 -8.55 -15.11
C LEU A 233 7.28 -9.95 -14.96
N LYS A 234 6.55 -10.97 -15.40
CA LYS A 234 7.07 -12.34 -15.37
C LYS A 234 8.30 -12.52 -16.24
N SER A 235 8.45 -11.64 -17.23
CA SER A 235 9.58 -11.65 -18.14
C SER A 235 10.77 -10.83 -17.62
N LYS A 236 10.51 -9.90 -16.69
CA LYS A 236 11.57 -9.08 -16.10
C LYS A 236 12.09 -9.68 -14.77
N LEU A 237 11.30 -10.54 -14.16
CA LEU A 237 11.66 -11.13 -12.87
C LEU A 237 11.78 -12.62 -13.02
N LYS A 238 12.61 -13.26 -12.19
CA LYS A 238 12.74 -14.72 -12.20
C LYS A 238 11.42 -15.45 -11.95
N THR A 239 10.72 -15.07 -10.89
CA THR A 239 9.43 -15.64 -10.51
C THR A 239 8.63 -14.47 -9.93
N TYR A 240 7.40 -14.33 -10.40
CA TYR A 240 6.53 -13.24 -10.01
C TYR A 240 5.16 -13.79 -9.60
N LEU A 241 4.79 -13.60 -8.34
CA LEU A 241 3.66 -14.29 -7.71
C LEU A 241 2.62 -13.34 -7.12
N ASN A 242 1.51 -13.16 -7.83
CA ASN A 242 0.33 -12.45 -7.33
C ASN A 242 -0.43 -13.37 -6.37
N ILE A 243 -0.60 -12.94 -5.12
CA ILE A 243 -1.20 -13.82 -4.11
C ILE A 243 -2.34 -13.13 -3.35
N GLY A 244 -2.93 -12.10 -3.96
CA GLY A 244 -4.03 -11.37 -3.36
C GLY A 244 -5.26 -11.29 -4.25
N PRO A 245 -6.21 -10.36 -3.93
CA PRO A 245 -6.14 -9.43 -2.79
C PRO A 245 -6.28 -10.13 -1.43
N PHE A 246 -5.43 -9.75 -0.49
CA PHE A 246 -5.42 -10.32 0.87
C PHE A 246 -6.76 -10.22 1.58
N ASN A 247 -7.41 -9.07 1.45
CA ASN A 247 -8.63 -8.77 2.19
C ASN A 247 -9.86 -9.52 1.70
N LEU A 248 -9.73 -10.21 0.56
CA LEU A 248 -10.78 -11.09 0.04
C LEU A 248 -10.55 -12.50 0.56
N ILE A 249 -9.29 -12.84 0.82
CA ILE A 249 -8.91 -14.10 1.46
C ILE A 249 -9.26 -14.10 2.95
N THR A 250 -8.91 -13.00 3.64
CA THR A 250 -9.06 -12.91 5.09
C THR A 250 -10.05 -11.80 5.46
N GLY A 260 -18.02 2.70 17.74
CA GLY A 260 -19.36 3.27 17.58
C GLY A 260 -19.71 3.68 16.16
N CYS A 261 -18.77 3.49 15.22
CA CYS A 261 -18.97 3.83 13.81
C CYS A 261 -20.06 2.98 13.15
N LEU A 262 -19.99 1.67 13.32
CA LEU A 262 -20.95 0.75 12.72
C LEU A 262 -22.37 0.92 13.27
N GLN A 263 -22.50 1.21 14.56
CA GLN A 263 -23.81 1.49 15.15
C GLN A 263 -24.41 2.80 14.64
N TRP A 264 -23.54 3.76 14.34
CA TRP A 264 -23.93 5.02 13.71
C TRP A 264 -24.43 4.79 12.28
N LEU A 265 -23.64 4.06 11.51
CA LEU A 265 -23.95 3.64 10.14
C LEU A 265 -25.29 2.89 9.99
N LYS A 266 -25.57 2.04 10.97
CA LYS A 266 -26.82 1.26 11.07
C LYS A 266 -28.06 2.09 10.71
N GLU A 267 -28.10 3.33 11.16
CA GLU A 267 -29.26 4.19 10.99
C GLU A 267 -29.27 5.06 9.73
N ARG A 268 -28.30 4.89 8.85
CA ARG A 268 -28.22 5.74 7.66
C ARG A 268 -28.85 5.06 6.47
N LYS A 269 -29.26 5.85 5.48
CA LYS A 269 -29.78 5.32 4.23
C LYS A 269 -28.70 4.62 3.39
N PRO A 270 -29.09 3.59 2.61
CA PRO A 270 -28.12 2.91 1.79
C PRO A 270 -27.40 3.88 0.84
N THR A 271 -26.10 3.68 0.67
CA THR A 271 -25.29 4.39 -0.33
C THR A 271 -25.33 5.92 -0.17
N SER A 272 -25.42 6.39 1.08
CA SER A 272 -25.60 7.83 1.34
C SER A 272 -24.42 8.55 2.03
N VAL A 273 -23.52 7.77 2.64
CA VAL A 273 -22.46 8.31 3.50
C VAL A 273 -21.13 8.44 2.75
N VAL A 274 -20.46 9.58 2.92
CA VAL A 274 -19.11 9.77 2.42
C VAL A 274 -18.10 9.45 3.52
N TYR A 275 -17.19 8.53 3.23
CA TYR A 275 -16.09 8.19 4.11
C TYR A 275 -14.82 8.86 3.58
N ILE A 276 -14.07 9.53 4.47
CA ILE A 276 -12.85 10.26 4.11
C ILE A 276 -11.67 9.72 4.93
N SER A 277 -10.59 9.35 4.26
CA SER A 277 -9.33 9.04 4.93
C SER A 277 -8.14 9.12 4.00
N PHE A 278 -7.00 9.56 4.56
CA PHE A 278 -5.75 9.66 3.80
C PHE A 278 -4.65 8.73 4.31
N GLY A 279 -5.05 7.62 4.91
CA GLY A 279 -4.11 6.61 5.40
C GLY A 279 -3.29 7.09 6.60
N THR A 280 -2.08 6.54 6.73
CA THR A 280 -1.28 6.70 7.95
C THR A 280 -0.26 7.83 7.92
N VAL A 281 0.18 8.25 6.73
CA VAL A 281 1.30 9.20 6.63
C VAL A 281 1.01 10.43 5.75
N THR A 282 -0.27 10.67 5.50
CA THR A 282 -0.69 11.76 4.62
C THR A 282 -1.80 12.59 5.28
N THR A 283 -1.74 13.89 5.04
CA THR A 283 -2.78 14.83 5.48
C THR A 283 -2.85 15.93 4.43
N PRO A 284 -4.07 16.33 4.01
CA PRO A 284 -4.10 17.42 3.03
C PRO A 284 -3.66 18.71 3.69
N PRO A 285 -3.13 19.67 2.90
CA PRO A 285 -2.76 20.97 3.48
C PRO A 285 -3.99 21.70 4.07
N PRO A 286 -3.79 22.57 5.08
CA PRO A 286 -4.91 23.23 5.78
C PRO A 286 -5.98 23.81 4.85
N ALA A 287 -5.58 24.35 3.71
CA ALA A 287 -6.53 24.94 2.78
C ALA A 287 -7.49 23.91 2.19
N GLU A 288 -7.00 22.67 2.03
CA GLU A 288 -7.81 21.61 1.45
C GLU A 288 -8.68 20.97 2.52
N VAL A 289 -8.17 20.96 3.76
CA VAL A 289 -8.96 20.61 4.94
C VAL A 289 -10.19 21.54 5.04
N VAL A 290 -9.96 22.83 4.82
CA VAL A 290 -11.05 23.83 4.81
C VAL A 290 -12.04 23.53 3.67
N ALA A 291 -11.50 23.39 2.47
CA ALA A 291 -12.30 23.11 1.27
C ALA A 291 -13.22 21.89 1.43
N LEU A 292 -12.68 20.79 1.98
CA LEU A 292 -13.47 19.59 2.21
C LEU A 292 -14.57 19.80 3.25
N SER A 293 -14.24 20.51 4.32
CA SER A 293 -15.22 20.85 5.34
C SER A 293 -16.37 21.71 4.78
N GLU A 294 -16.05 22.60 3.84
CA GLU A 294 -17.04 23.44 3.17
C GLU A 294 -17.96 22.65 2.24
N ALA A 295 -17.41 21.68 1.51
CA ALA A 295 -18.19 20.79 0.66
C ALA A 295 -19.13 19.89 1.46
N LEU A 296 -18.63 19.38 2.58
CA LEU A 296 -19.44 18.52 3.46
C LEU A 296 -20.60 19.29 4.05
N GLU A 297 -20.30 20.50 4.52
CA GLU A 297 -21.28 21.37 5.13
C GLU A 297 -22.33 21.87 4.14
N ALA A 298 -21.87 22.37 2.99
CA ALA A 298 -22.76 22.92 1.97
C ALA A 298 -23.74 21.89 1.39
N SER A 299 -23.28 20.65 1.19
CA SER A 299 -24.17 19.58 0.74
C SER A 299 -24.96 18.90 1.86
N ARG A 300 -24.53 19.07 3.11
CA ARG A 300 -25.12 18.35 4.26
C ARG A 300 -25.18 16.85 4.01
N VAL A 301 -24.16 16.33 3.35
CA VAL A 301 -24.05 14.90 3.08
C VAL A 301 -23.60 14.18 4.37
N PRO A 302 -24.25 13.05 4.72
CA PRO A 302 -23.72 12.29 5.87
C PRO A 302 -22.25 11.86 5.63
N PHE A 303 -21.44 11.87 6.70
CA PHE A 303 -20.00 11.61 6.54
C PHE A 303 -19.30 11.05 7.77
N ILE A 304 -18.20 10.35 7.51
CA ILE A 304 -17.25 9.93 8.53
C ILE A 304 -15.86 10.32 7.99
N TRP A 305 -15.20 11.22 8.71
CA TRP A 305 -13.93 11.75 8.28
C TRP A 305 -12.87 11.29 9.29
N SER A 306 -12.01 10.38 8.86
CA SER A 306 -10.85 9.97 9.65
C SER A 306 -9.78 11.07 9.50
N LEU A 307 -9.63 11.88 10.55
CA LEU A 307 -8.71 13.02 10.54
C LEU A 307 -7.87 13.03 11.81
N ARG A 308 -6.54 13.18 11.68
CA ARG A 308 -5.64 13.36 12.83
C ARG A 308 -6.16 14.40 13.80
N ASP A 309 -6.11 14.08 15.09
CA ASP A 309 -6.57 14.99 16.14
C ASP A 309 -5.83 16.31 16.07
N LYS A 310 -4.53 16.24 15.83
CA LYS A 310 -3.69 17.42 15.62
C LYS A 310 -4.14 18.29 14.45
N ALA A 311 -4.76 17.68 13.43
CA ALA A 311 -5.20 18.42 12.26
C ALA A 311 -6.56 19.12 12.46
N ARG A 312 -7.25 18.78 13.55
CA ARG A 312 -8.52 19.40 13.89
C ARG A 312 -8.41 20.91 14.08
N VAL A 313 -7.21 21.38 14.45
CA VAL A 313 -6.93 22.82 14.57
C VAL A 313 -7.13 23.55 13.26
N HIS A 314 -7.03 22.84 12.14
CA HIS A 314 -7.21 23.43 10.81
C HIS A 314 -8.67 23.45 10.33
N LEU A 315 -9.59 22.91 11.12
CA LEU A 315 -11.01 22.94 10.79
C LEU A 315 -11.56 24.37 11.01
N PRO A 316 -12.38 24.87 10.06
CA PRO A 316 -13.03 26.18 10.26
C PRO A 316 -13.83 26.19 11.55
N GLU A 317 -13.77 27.32 12.26
CA GLU A 317 -14.55 27.53 13.47
C GLU A 317 -16.03 27.29 13.15
N GLY A 318 -16.68 26.50 14.00
CA GLY A 318 -18.09 26.18 13.81
C GLY A 318 -18.41 24.91 13.05
N PHE A 319 -17.47 24.39 12.25
CA PHE A 319 -17.72 23.19 11.42
C PHE A 319 -18.26 22.00 12.19
N LEU A 320 -17.56 21.62 13.26
CA LEU A 320 -17.97 20.45 14.06
C LEU A 320 -19.38 20.59 14.61
N GLU A 321 -19.67 21.79 15.11
CA GLU A 321 -20.98 22.10 15.66
C GLU A 321 -22.07 22.11 14.59
N LYS A 322 -21.77 22.64 13.41
CA LYS A 322 -22.77 22.66 12.34
C LYS A 322 -23.03 21.26 11.73
N THR A 323 -22.02 20.40 11.75
CA THR A 323 -22.12 19.07 11.12
C THR A 323 -22.48 17.95 12.08
N ARG A 324 -22.55 18.29 13.37
CA ARG A 324 -22.78 17.37 14.46
C ARG A 324 -23.96 16.40 14.24
N GLY A 325 -25.00 16.88 13.56
CA GLY A 325 -26.20 16.08 13.36
C GLY A 325 -26.09 15.05 12.26
N TYR A 326 -25.08 15.17 11.41
CA TYR A 326 -24.99 14.26 10.28
C TYR A 326 -23.61 13.73 9.93
N GLY A 327 -22.57 14.16 10.65
CA GLY A 327 -21.22 13.71 10.34
C GLY A 327 -20.34 13.49 11.55
N MET A 328 -19.36 12.59 11.43
CA MET A 328 -18.36 12.35 12.49
C MET A 328 -16.96 12.71 12.02
N VAL A 329 -16.18 13.34 12.89
CA VAL A 329 -14.74 13.50 12.67
C VAL A 329 -14.05 12.70 13.76
N VAL A 330 -13.29 11.67 13.37
CA VAL A 330 -12.67 10.74 14.31
C VAL A 330 -11.16 10.57 14.01
N PRO A 331 -10.32 10.29 15.03
CA PRO A 331 -8.89 10.14 14.76
C PRO A 331 -8.54 8.81 14.08
N TRP A 332 -9.42 7.83 14.20
CA TRP A 332 -9.24 6.52 13.59
C TRP A 332 -10.58 5.85 13.44
N ALA A 333 -10.81 5.26 12.28
CA ALA A 333 -12.06 4.51 12.03
C ALA A 333 -11.73 3.04 11.79
N PRO A 334 -12.71 2.16 12.00
CA PRO A 334 -12.51 0.79 11.53
C PRO A 334 -12.74 0.76 10.00
N GLN A 335 -11.73 1.14 9.24
CA GLN A 335 -11.94 1.49 7.81
C GLN A 335 -12.56 0.37 6.96
N ALA A 336 -11.95 -0.82 7.02
CA ALA A 336 -12.39 -1.92 6.19
C ALA A 336 -13.90 -2.20 6.41
N GLU A 337 -14.32 -2.26 7.67
CA GLU A 337 -15.73 -2.51 8.00
C GLU A 337 -16.66 -1.35 7.63
N VAL A 338 -16.17 -0.12 7.72
CA VAL A 338 -16.95 1.04 7.29
C VAL A 338 -17.23 0.93 5.81
N LEU A 339 -16.19 0.62 5.04
CA LEU A 339 -16.26 0.57 3.57
C LEU A 339 -17.14 -0.60 3.09
N ALA A 340 -17.22 -1.65 3.91
CA ALA A 340 -18.11 -2.81 3.67
C ALA A 340 -19.55 -2.62 4.14
N HIS A 341 -19.85 -1.48 4.75
CA HIS A 341 -21.21 -1.20 5.24
C HIS A 341 -22.06 -0.61 4.10
N GLU A 342 -23.31 -1.09 4.02
CA GLU A 342 -24.23 -0.68 2.96
C GLU A 342 -24.55 0.84 2.94
N ALA A 343 -24.42 1.50 4.09
CA ALA A 343 -24.65 2.94 4.21
C ALA A 343 -23.69 3.83 3.42
N VAL A 344 -22.48 3.32 3.16
CA VAL A 344 -21.41 4.14 2.57
C VAL A 344 -21.55 4.19 1.05
N GLY A 345 -21.49 5.38 0.47
CA GLY A 345 -21.62 5.50 -0.99
C GLY A 345 -20.43 6.09 -1.73
N ALA A 346 -19.45 6.64 -1.00
CA ALA A 346 -18.23 7.19 -1.61
C ALA A 346 -17.05 7.25 -0.64
N PHE A 347 -15.84 7.19 -1.20
CA PHE A 347 -14.61 7.15 -0.42
C PHE A 347 -13.64 8.20 -0.95
N VAL A 348 -13.43 9.27 -0.18
CA VAL A 348 -12.40 10.28 -0.47
C VAL A 348 -11.06 9.79 0.09
N THR A 349 -10.10 9.55 -0.79
CA THR A 349 -8.92 8.72 -0.48
C THR A 349 -7.62 9.35 -1.02
N HIS A 350 -6.47 8.99 -0.45
CA HIS A 350 -5.15 9.39 -1.02
C HIS A 350 -4.71 8.44 -2.12
N CYS A 351 -5.49 7.38 -2.35
CA CYS A 351 -5.18 6.31 -3.35
C CYS A 351 -4.09 5.33 -2.93
N GLY A 352 -3.97 5.09 -1.62
CA GLY A 352 -3.14 4.01 -1.12
C GLY A 352 -3.68 2.65 -1.56
N TRP A 353 -2.77 1.71 -1.78
CA TRP A 353 -3.09 0.37 -2.29
C TRP A 353 -4.01 -0.48 -1.41
N ASN A 354 -3.75 -0.51 -0.10
CA ASN A 354 -4.59 -1.26 0.83
C ASN A 354 -6.00 -0.67 0.91
N SER A 355 -6.09 0.66 1.02
CA SER A 355 -7.39 1.36 0.98
C SER A 355 -8.23 1.04 -0.26
N LEU A 356 -7.55 1.04 -1.41
CA LEU A 356 -8.19 0.76 -2.69
C LEU A 356 -8.92 -0.59 -2.66
N TRP A 357 -8.18 -1.65 -2.30
CA TRP A 357 -8.77 -2.98 -2.24
C TRP A 357 -9.86 -3.19 -1.19
N GLU A 358 -9.82 -2.36 -0.15
CA GLU A 358 -10.89 -2.33 0.84
C GLU A 358 -12.15 -1.65 0.27
N SER A 359 -11.96 -0.65 -0.59
CA SER A 359 -13.09 0.01 -1.24
C SER A 359 -13.74 -0.94 -2.27
N VAL A 360 -12.89 -1.68 -2.99
CA VAL A 360 -13.32 -2.71 -3.93
C VAL A 360 -14.13 -3.80 -3.22
N ALA A 361 -13.65 -4.28 -2.07
CA ALA A 361 -14.37 -5.30 -1.28
C ALA A 361 -15.74 -4.80 -0.86
N GLY A 362 -15.85 -3.52 -0.54
CA GLY A 362 -17.13 -2.94 -0.17
C GLY A 362 -17.98 -2.50 -1.33
N GLY A 363 -17.38 -2.38 -2.52
CA GLY A 363 -18.09 -1.87 -3.69
C GLY A 363 -18.35 -0.37 -3.62
N VAL A 364 -17.40 0.37 -3.04
CA VAL A 364 -17.53 1.82 -2.89
C VAL A 364 -16.65 2.56 -3.92
N PRO A 365 -17.25 3.43 -4.74
CA PRO A 365 -16.45 4.26 -5.67
C PRO A 365 -15.50 5.26 -4.98
N LEU A 366 -14.35 5.53 -5.61
CA LEU A 366 -13.30 6.36 -5.02
C LEU A 366 -13.33 7.79 -5.53
N ILE A 367 -13.02 8.73 -4.65
CA ILE A 367 -12.69 10.10 -5.01
C ILE A 367 -11.22 10.32 -4.64
N CYS A 368 -10.37 10.38 -5.66
CA CYS A 368 -8.92 10.27 -5.49
C CYS A 368 -8.27 11.63 -5.36
N ARG A 369 -7.45 11.80 -4.33
CA ARG A 369 -6.59 12.98 -4.18
C ARG A 369 -5.16 12.51 -3.84
N PRO A 370 -4.40 12.07 -4.86
CA PRO A 370 -3.06 11.55 -4.62
C PRO A 370 -2.02 12.63 -4.28
N PHE A 371 -1.09 12.31 -3.39
CA PHE A 371 -0.02 13.26 -2.99
C PHE A 371 1.41 12.88 -3.47
N PHE A 372 1.84 11.66 -3.17
CA PHE A 372 3.24 11.25 -3.41
C PHE A 372 3.37 9.72 -3.44
N GLY A 373 4.60 9.23 -3.63
CA GLY A 373 4.84 7.80 -3.82
C GLY A 373 4.09 7.25 -5.03
N ASP A 374 3.41 6.12 -4.83
CA ASP A 374 2.62 5.45 -5.88
C ASP A 374 1.17 5.94 -6.00
N GLN A 375 0.83 6.99 -5.25
CA GLN A 375 -0.54 7.44 -5.15
C GLN A 375 -1.09 7.92 -6.52
N ARG A 376 -0.27 8.63 -7.29
CA ARG A 376 -0.69 9.13 -8.62
C ARG A 376 -0.88 7.99 -9.61
N LEU A 377 -0.02 6.99 -9.54
CA LEU A 377 -0.19 5.80 -10.36
C LEU A 377 -1.52 5.09 -10.02
N ASN A 378 -1.80 4.91 -8.73
CA ASN A 378 -3.04 4.29 -8.28
C ASN A 378 -4.29 5.10 -8.68
N GLY A 379 -4.19 6.42 -8.60
CA GLY A 379 -5.27 7.31 -9.01
C GLY A 379 -5.58 7.16 -10.51
N ARG A 380 -4.54 7.10 -11.33
CA ARG A 380 -4.66 6.86 -12.76
C ARG A 380 -5.33 5.51 -13.07
N MET A 381 -4.88 4.45 -12.39
CA MET A 381 -5.52 3.14 -12.47
C MET A 381 -7.01 3.20 -12.12
N VAL A 382 -7.35 3.80 -10.98
CA VAL A 382 -8.74 3.93 -10.54
C VAL A 382 -9.61 4.66 -11.59
N GLU A 383 -9.13 5.81 -12.07
CA GLU A 383 -9.92 6.71 -12.92
C GLU A 383 -10.01 6.25 -14.39
N ASP A 384 -8.85 5.97 -14.99
CA ASP A 384 -8.68 5.75 -16.41
C ASP A 384 -8.63 4.28 -16.80
N VAL A 385 -8.14 3.43 -15.91
CA VAL A 385 -7.96 2.02 -16.24
C VAL A 385 -9.16 1.16 -15.79
N LEU A 386 -9.50 1.23 -14.50
CA LEU A 386 -10.53 0.36 -13.94
C LEU A 386 -11.90 1.03 -13.98
N GLU A 387 -11.89 2.37 -14.03
CA GLU A 387 -13.10 3.19 -14.03
C GLU A 387 -13.98 2.89 -12.81
N ILE A 388 -13.35 2.86 -11.64
CA ILE A 388 -14.01 2.55 -10.39
C ILE A 388 -14.04 3.75 -9.48
N GLY A 389 -13.56 4.88 -9.98
CA GLY A 389 -13.54 6.13 -9.22
C GLY A 389 -13.35 7.35 -10.12
N VAL A 390 -13.38 8.53 -9.51
CA VAL A 390 -13.22 9.79 -10.23
C VAL A 390 -12.08 10.66 -9.66
N ARG A 391 -11.64 11.62 -10.47
CA ARG A 391 -10.65 12.62 -10.09
C ARG A 391 -11.34 13.90 -9.66
N ILE A 392 -10.72 14.61 -8.73
CA ILE A 392 -11.10 15.99 -8.49
C ILE A 392 -10.49 16.89 -9.56
N GLU A 393 -11.32 17.72 -10.18
CA GLU A 393 -10.89 18.71 -11.16
C GLU A 393 -9.73 19.56 -10.63
N GLY A 394 -8.56 19.42 -11.24
CA GLY A 394 -7.39 20.23 -10.87
C GLY A 394 -6.48 19.60 -9.83
N GLY A 395 -6.85 18.41 -9.36
CA GLY A 395 -5.98 17.63 -8.48
C GLY A 395 -5.89 18.09 -7.05
N VAL A 396 -6.59 19.17 -6.71
CA VAL A 396 -6.66 19.67 -5.33
C VAL A 396 -8.12 19.76 -4.90
N PHE A 397 -8.35 19.65 -3.60
CA PHE A 397 -9.69 19.88 -3.04
C PHE A 397 -10.14 21.33 -3.22
N THR A 398 -11.35 21.47 -3.76
CA THR A 398 -12.11 22.71 -3.75
C THR A 398 -13.55 22.37 -3.30
N LYS A 399 -14.25 23.34 -2.71
CA LYS A 399 -15.64 23.15 -2.29
C LYS A 399 -16.51 22.60 -3.42
N SER A 400 -16.50 23.32 -4.55
CA SER A 400 -17.34 23.00 -5.69
C SER A 400 -16.93 21.71 -6.39
N GLY A 401 -15.62 21.52 -6.57
CA GLY A 401 -15.10 20.26 -7.15
C GLY A 401 -15.58 19.04 -6.36
N LEU A 402 -15.52 19.11 -5.04
CA LEU A 402 -15.92 17.96 -4.23
C LEU A 402 -17.45 17.78 -4.21
N MET A 403 -18.19 18.89 -4.17
CA MET A 403 -19.65 18.81 -4.23
C MET A 403 -20.15 18.14 -5.50
N SER A 404 -19.45 18.41 -6.60
CA SER A 404 -19.69 17.77 -7.87
C SER A 404 -19.39 16.25 -7.85
N CYS A 405 -18.24 15.86 -7.32
CA CYS A 405 -17.92 14.44 -7.15
C CYS A 405 -18.97 13.71 -6.30
N PHE A 406 -19.40 14.31 -5.20
CA PHE A 406 -20.44 13.70 -4.35
C PHE A 406 -21.76 13.51 -5.14
N ASP A 407 -22.18 14.54 -5.87
CA ASP A 407 -23.38 14.46 -6.70
C ASP A 407 -23.26 13.33 -7.76
N GLN A 408 -22.16 13.35 -8.53
CA GLN A 408 -21.85 12.33 -9.55
C GLN A 408 -22.07 10.92 -9.00
N ILE A 409 -21.43 10.64 -7.87
CA ILE A 409 -21.39 9.30 -7.28
C ILE A 409 -22.65 8.91 -6.52
N LEU A 410 -23.16 9.79 -5.66
CA LEU A 410 -24.30 9.43 -4.80
C LEU A 410 -25.67 9.53 -5.44
N SER A 411 -25.78 10.42 -6.44
CA SER A 411 -27.09 10.80 -6.96
C SER A 411 -27.28 10.63 -8.47
N GLN A 412 -26.18 10.49 -9.19
CA GLN A 412 -26.25 10.48 -10.64
C GLN A 412 -25.85 9.14 -11.26
N GLU A 413 -26.04 9.06 -12.57
CA GLU A 413 -25.80 7.88 -13.36
C GLU A 413 -24.33 7.41 -13.28
N LYS A 414 -23.39 8.36 -13.26
CA LYS A 414 -21.96 8.05 -13.05
C LYS A 414 -21.71 7.05 -11.91
N GLY A 415 -22.30 7.30 -10.75
CA GLY A 415 -22.13 6.39 -9.59
C GLY A 415 -22.69 4.99 -9.82
N LYS A 416 -23.79 4.92 -10.56
CA LYS A 416 -24.38 3.61 -10.93
C LYS A 416 -23.40 2.79 -11.76
N LYS A 417 -22.72 3.47 -12.69
CA LYS A 417 -21.75 2.81 -13.56
C LYS A 417 -20.53 2.35 -12.77
N LEU A 418 -20.01 3.24 -11.93
CA LEU A 418 -18.86 2.95 -11.07
C LEU A 418 -19.08 1.73 -10.19
N ARG A 419 -20.26 1.66 -9.59
CA ARG A 419 -20.66 0.53 -8.76
C ARG A 419 -20.74 -0.78 -9.55
N GLU A 420 -21.26 -0.70 -10.78
CA GLU A 420 -21.29 -1.86 -11.71
C GLU A 420 -19.89 -2.33 -11.99
N ASN A 421 -19.01 -1.38 -12.33
CA ASN A 421 -17.61 -1.67 -12.58
C ASN A 421 -16.95 -2.31 -11.37
N LEU A 422 -17.29 -1.82 -10.18
CA LEU A 422 -16.74 -2.37 -8.95
C LEU A 422 -17.20 -3.80 -8.68
N ARG A 423 -18.48 -4.08 -8.95
CA ARG A 423 -19.05 -5.43 -8.78
C ARG A 423 -18.34 -6.43 -9.68
N ALA A 424 -18.10 -6.03 -10.93
CA ALA A 424 -17.42 -6.86 -11.92
C ALA A 424 -15.95 -7.10 -11.56
N LEU A 425 -15.27 -6.04 -11.10
CA LEU A 425 -13.87 -6.16 -10.71
C LEU A 425 -13.72 -7.10 -9.52
N ARG A 426 -14.61 -6.96 -8.53
CA ARG A 426 -14.56 -7.76 -7.31
CA ARG A 426 -14.54 -7.77 -7.31
C ARG A 426 -14.81 -9.24 -7.58
N GLU A 427 -15.69 -9.53 -8.55
CA GLU A 427 -15.99 -10.91 -8.94
C GLU A 427 -14.74 -11.58 -9.53
N THR A 428 -14.06 -10.88 -10.43
CA THR A 428 -12.79 -11.37 -11.00
C THR A 428 -11.78 -11.62 -9.88
N ALA A 429 -11.70 -10.68 -8.94
CA ALA A 429 -10.77 -10.77 -7.82
C ALA A 429 -11.08 -11.97 -6.95
N ASP A 430 -12.37 -12.16 -6.63
CA ASP A 430 -12.84 -13.32 -5.85
C ASP A 430 -12.46 -14.66 -6.46
N ARG A 431 -12.60 -14.74 -7.78
CA ARG A 431 -12.23 -15.94 -8.51
C ARG A 431 -10.73 -16.21 -8.50
N ALA A 432 -9.92 -15.15 -8.52
CA ALA A 432 -8.45 -15.29 -8.40
C ALA A 432 -8.03 -15.97 -7.08
N VAL A 433 -8.81 -15.72 -6.02
CA VAL A 433 -8.49 -16.27 -4.68
C VAL A 433 -9.39 -17.45 -4.27
N GLY A 434 -10.27 -17.87 -5.17
CA GLY A 434 -11.10 -19.05 -4.91
C GLY A 434 -10.33 -20.33 -5.24
N PRO A 435 -11.00 -21.49 -5.13
CA PRO A 435 -10.38 -22.76 -5.49
C PRO A 435 -9.92 -22.69 -6.94
N LYS A 436 -8.72 -23.19 -7.25
CA LYS A 436 -8.21 -23.09 -8.64
C LYS A 436 -7.97 -21.65 -9.15
N GLY A 437 -8.16 -20.65 -8.30
CA GLY A 437 -7.79 -19.28 -8.65
C GLY A 437 -6.28 -19.12 -8.87
N SER A 438 -5.90 -18.22 -9.76
CA SER A 438 -4.48 -17.93 -10.02
C SER A 438 -3.68 -17.52 -8.76
N SER A 439 -4.32 -16.80 -7.82
CA SER A 439 -3.62 -16.37 -6.58
C SER A 439 -3.46 -17.52 -5.61
N THR A 440 -4.48 -18.37 -5.54
CA THR A 440 -4.45 -19.58 -4.73
C THR A 440 -3.29 -20.49 -5.19
N GLU A 441 -3.14 -20.62 -6.50
CA GLU A 441 -2.06 -21.42 -7.09
C GLU A 441 -0.68 -20.80 -6.83
N ASN A 442 -0.57 -19.49 -7.00
CA ASN A 442 0.69 -18.78 -6.71
C ASN A 442 1.13 -18.87 -5.25
N PHE A 443 0.16 -18.96 -4.36
CA PHE A 443 0.46 -19.04 -2.94
C PHE A 443 1.06 -20.40 -2.57
N ILE A 444 0.58 -21.45 -3.24
CA ILE A 444 1.15 -22.80 -3.10
C ILE A 444 2.62 -22.78 -3.52
N THR A 445 2.90 -22.11 -4.63
CA THR A 445 4.28 -21.93 -5.10
C THR A 445 5.14 -21.22 -4.02
N LEU A 446 4.59 -20.18 -3.40
CA LEU A 446 5.35 -19.42 -2.38
C LEU A 446 5.52 -20.25 -1.09
N VAL A 447 4.48 -20.99 -0.73
CA VAL A 447 4.59 -21.90 0.41
C VAL A 447 5.77 -22.86 0.18
N ASP A 448 5.86 -23.39 -1.03
CA ASP A 448 6.94 -24.32 -1.40
C ASP A 448 8.31 -23.66 -1.32
N LEU A 449 8.39 -22.38 -1.66
CA LEU A 449 9.66 -21.66 -1.56
C LEU A 449 10.08 -21.42 -0.11
N VAL A 450 9.14 -21.02 0.75
CA VAL A 450 9.48 -20.75 2.16
C VAL A 450 9.68 -22.05 2.98
N SER A 451 9.11 -23.15 2.48
CA SER A 451 9.24 -24.47 3.12
C SER A 451 10.58 -25.14 2.86
N LYS A 452 11.30 -24.71 1.84
CA LYS A 452 12.59 -25.27 1.47
C LYS A 452 13.60 -25.06 2.60
N PRO A 453 14.25 -26.13 3.06
CA PRO A 453 15.28 -25.91 4.06
C PRO A 453 16.52 -25.32 3.40
N LYS A 454 17.43 -24.78 4.21
CA LYS A 454 18.66 -24.19 3.69
C LYS A 454 19.51 -25.24 2.93
N ASP A 455 20.06 -24.83 1.79
CA ASP A 455 21.06 -25.60 1.07
C ASP A 455 22.20 -26.06 1.98
N VAL A 456 22.73 -27.26 1.72
CA VAL A 456 23.78 -27.84 2.56
C VAL A 456 25.16 -27.24 2.25
#